data_6F45
#
_entry.id   6F45
#
_cell.length_a   81.337
_cell.length_b   98.904
_cell.length_c   140.036
_cell.angle_alpha   90.000
_cell.angle_beta   90.000
_cell.angle_gamma   90.000
#
_symmetry.space_group_name_H-M   'C 2 2 21'
#
loop_
_entity.id
_entity.type
_entity.pdbx_description
1 polymer 'Receptor recognition protein'
2 polymer 'Long tail fiber distal subunit'
3 non-polymer 'MAGNESIUM ION'
4 non-polymer (4R)-2-METHYLPENTANE-2,4-DIOL
5 non-polymer (4S)-2-METHYL-2,4-PENTANEDIOL
6 non-polymer IMIDAZOLE
7 water water
#
loop_
_entity_poly.entity_id
_entity_poly.type
_entity_poly.pdbx_seq_one_letter_code
_entity_poly.pdbx_strand_id
1 'polypeptide(L)'
;MAVQGPWVGSSYVAETGQNWASLAANELRVTERPFWISSFIGRSKEEIWEWTGENHSFNKDWLIGELRNRGGTPVVINIR
AHQVSYTPGAPLFEFPGDLPNAYITLNIYADIYGRGGTGGVAYLGGNPGGDCIHNWIGNRLRINNQGWICGGGGGGGGFR
VGHTEAGGGGGRPLGAGGVSSLNLNGDNATLGAPGRGYQLGNDYAGNGGDVGNPGSASSAEMGGGAAGRAVVGTSPQWIN
VGNIAGSWL
;
D
2 'polypeptide(L)'
;MGSSHHHHHHSQDPENLYFQGALGSASIAIGDNDTGLRWGGDGIVQIVANNAIVGGWNSTDIFTEAGKHITSNGNLNQWG
GGAIYCRDLNVSSDRRIKKDIKAFENPVDILSTIGGYTYLIEKGFNEDGSQAYEESAGLIAQEVEAVLPRLVKISNDGTK
DVKRLNYNGITALNTAAINVHTKEINELKKQLKELKDIVKFLTK
;
A,B,C
#
# COMPACT_ATOMS: atom_id res chain seq x y z
N ALA A 2 -0.31 7.88 0.95
CA ALA A 2 0.39 6.94 1.81
C ALA A 2 -0.56 6.49 2.92
N VAL A 3 -0.31 5.31 3.48
CA VAL A 3 -1.02 4.93 4.70
C VAL A 3 -0.60 5.82 5.85
N GLN A 4 -1.60 6.23 6.65
CA GLN A 4 -1.37 7.12 7.77
CA GLN A 4 -1.34 7.09 7.78
C GLN A 4 -2.10 6.55 8.97
N GLY A 5 -1.51 6.76 10.17
CA GLY A 5 -2.21 6.43 11.41
C GLY A 5 -2.89 7.68 11.90
N PRO A 6 -3.75 7.53 12.90
CA PRO A 6 -3.93 6.28 13.63
C PRO A 6 -4.94 5.37 12.95
N TRP A 7 -5.77 5.87 12.02
CA TRP A 7 -6.78 5.02 11.39
C TRP A 7 -6.13 4.22 10.25
N VAL A 8 -5.22 3.32 10.66
CA VAL A 8 -4.48 2.54 9.68
C VAL A 8 -5.38 1.67 8.81
N GLY A 9 -6.50 1.20 9.35
CA GLY A 9 -7.33 0.27 8.63
C GLY A 9 -7.98 0.97 7.43
N SER A 10 -8.80 1.99 7.65
CA SER A 10 -9.43 2.58 6.46
C SER A 10 -8.37 3.22 5.57
N SER A 11 -7.27 3.67 6.17
CA SER A 11 -6.20 4.28 5.39
C SER A 11 -5.57 3.27 4.46
N TYR A 12 -5.39 2.02 4.91
CA TYR A 12 -4.80 1.06 3.96
C TYR A 12 -5.82 0.61 2.95
N VAL A 13 -7.09 0.53 3.31
CA VAL A 13 -8.12 0.18 2.34
C VAL A 13 -8.14 1.23 1.23
N ALA A 14 -8.08 2.48 1.63
CA ALA A 14 -8.13 3.58 0.67
C ALA A 14 -6.87 3.59 -0.20
N GLU A 15 -5.72 3.33 0.41
CA GLU A 15 -4.46 3.44 -0.36
C GLU A 15 -4.29 2.28 -1.33
N THR A 16 -4.71 1.07 -0.93
CA THR A 16 -4.42 -0.16 -1.67
C THR A 16 -5.57 -0.72 -2.44
N GLY A 17 -6.81 -0.41 -2.05
CA GLY A 17 -7.95 -1.05 -2.64
C GLY A 17 -8.23 -2.42 -2.08
N GLN A 18 -7.47 -2.89 -1.09
CA GLN A 18 -7.68 -4.24 -0.56
C GLN A 18 -8.22 -4.16 0.87
N ASN A 19 -9.17 -5.02 1.16
CA ASN A 19 -9.67 -5.13 2.55
C ASN A 19 -8.84 -6.07 3.40
N TRP A 20 -8.27 -7.11 2.79
CA TRP A 20 -7.45 -8.06 3.52
C TRP A 20 -6.07 -7.51 3.72
N ALA A 21 -5.58 -7.55 4.97
CA ALA A 21 -4.28 -6.95 5.27
C ALA A 21 -3.19 -7.64 4.47
N SER A 22 -3.26 -8.95 4.33
CA SER A 22 -2.16 -9.65 3.64
C SER A 22 -2.06 -9.16 2.21
N LEU A 23 -3.21 -8.90 1.57
CA LEU A 23 -3.19 -8.43 0.17
C LEU A 23 -2.85 -6.95 0.09
N ALA A 24 -3.31 -6.14 1.07
CA ALA A 24 -2.84 -4.76 1.15
C ALA A 24 -1.33 -4.70 1.30
N ALA A 25 -0.77 -5.58 2.11
CA ALA A 25 0.69 -5.63 2.25
C ALA A 25 1.37 -5.80 0.90
N ASN A 26 0.84 -6.66 0.05
CA ASN A 26 1.47 -6.86 -1.25
C ASN A 26 1.43 -5.60 -2.09
N GLU A 27 0.27 -4.87 -2.04
CA GLU A 27 0.17 -3.59 -2.79
C GLU A 27 1.17 -2.58 -2.28
N LEU A 28 1.56 -2.68 -1.00
CA LEU A 28 2.53 -1.74 -0.43
C LEU A 28 3.93 -2.29 -0.52
N ARG A 29 4.09 -3.45 -1.19
CA ARG A 29 5.40 -4.12 -1.37
C ARG A 29 6.04 -4.49 -0.03
N VAL A 30 5.20 -4.85 0.96
CA VAL A 30 5.68 -5.29 2.27
C VAL A 30 5.81 -6.81 2.15
N THR A 31 7.05 -7.34 2.18
CA THR A 31 7.30 -8.77 1.96
C THR A 31 7.53 -9.57 3.25
N GLU A 32 7.70 -8.91 4.40
CA GLU A 32 7.91 -9.65 5.64
CA GLU A 32 7.91 -9.65 5.64
C GLU A 32 6.66 -10.46 5.97
N ARG A 33 6.86 -11.70 6.44
CA ARG A 33 5.75 -12.52 6.99
C ARG A 33 6.29 -13.29 8.20
N PRO A 34 5.67 -13.16 9.36
CA PRO A 34 4.57 -12.21 9.63
C PRO A 34 4.98 -10.76 9.44
N PHE A 35 4.01 -9.85 9.53
CA PHE A 35 4.33 -8.43 9.51
C PHE A 35 3.52 -7.69 10.57
N TRP A 36 4.11 -6.61 11.07
CA TRP A 36 3.44 -5.63 11.94
C TRP A 36 2.73 -4.60 11.06
N ILE A 37 1.47 -4.35 11.36
CA ILE A 37 0.68 -3.46 10.50
C ILE A 37 1.20 -2.04 10.60
N SER A 38 1.87 -1.70 11.71
CA SER A 38 2.52 -0.39 11.80
C SER A 38 3.53 -0.20 10.69
N SER A 39 4.02 -1.28 10.07
CA SER A 39 4.98 -1.08 8.99
C SER A 39 4.32 -0.55 7.69
N PHE A 40 2.98 -0.56 7.60
CA PHE A 40 2.27 0.09 6.50
C PHE A 40 2.44 1.61 6.54
N ILE A 41 2.57 2.19 7.74
CA ILE A 41 2.55 3.63 7.84
C ILE A 41 3.67 4.28 7.04
N GLY A 42 3.28 5.27 6.21
CA GLY A 42 4.21 6.00 5.38
C GLY A 42 4.46 5.35 4.05
N ARG A 43 3.89 4.18 3.80
CA ARG A 43 4.09 3.50 2.51
C ARG A 43 2.92 3.74 1.56
N SER A 44 3.22 3.65 0.27
CA SER A 44 2.25 3.95 -0.77
C SER A 44 2.27 2.84 -1.80
N LYS A 45 1.09 2.57 -2.37
CA LYS A 45 0.95 1.78 -3.60
C LYS A 45 1.62 2.54 -4.74
N GLU A 46 2.19 1.80 -5.70
CA GLU A 46 2.82 2.53 -6.83
C GLU A 46 1.81 3.48 -7.52
N GLU A 47 2.30 4.67 -7.89
CA GLU A 47 1.48 5.66 -8.55
C GLU A 47 1.54 5.45 -10.04
N ILE A 48 0.44 5.72 -10.75
CA ILE A 48 0.35 5.51 -12.21
C ILE A 48 -0.03 6.84 -12.85
N TRP A 49 0.85 7.36 -13.69
CA TRP A 49 0.64 8.62 -14.38
C TRP A 49 0.18 8.34 -15.82
N GLU A 50 -0.74 9.16 -16.32
CA GLU A 50 -1.31 9.03 -17.65
C GLU A 50 -0.98 10.31 -18.40
N TRP A 51 -0.16 10.22 -19.46
CA TRP A 51 0.21 11.39 -20.29
C TRP A 51 -0.42 11.22 -21.66
N THR A 52 -1.48 11.99 -21.96
CA THR A 52 -2.04 11.95 -23.31
C THR A 52 -1.85 13.27 -24.03
N GLY A 53 -1.13 14.23 -23.41
CA GLY A 53 -0.78 15.51 -24.05
C GLY A 53 0.46 15.40 -24.91
N GLU A 54 0.32 15.51 -26.24
CA GLU A 54 1.53 15.57 -27.08
C GLU A 54 2.33 16.81 -26.69
N ASN A 55 3.65 16.65 -26.53
CA ASN A 55 4.45 17.74 -25.98
C ASN A 55 5.76 17.77 -26.73
N HIS A 56 5.96 18.81 -27.55
CA HIS A 56 7.21 18.97 -28.32
C HIS A 56 8.23 19.87 -27.61
N SER A 57 7.97 20.26 -26.37
CA SER A 57 8.80 21.16 -25.58
C SER A 57 9.00 20.59 -24.19
N PHE A 58 9.25 19.29 -24.11
CA PHE A 58 9.30 18.63 -22.83
C PHE A 58 10.59 18.99 -22.08
N ASN A 59 10.49 19.31 -20.81
CA ASN A 59 11.65 19.72 -20.03
C ASN A 59 11.93 18.66 -18.98
N LYS A 60 13.11 17.98 -19.08
CA LYS A 60 13.46 16.91 -18.16
C LYS A 60 13.42 17.36 -16.70
N ASP A 61 13.62 18.66 -16.44
CA ASP A 61 13.64 19.10 -15.04
C ASP A 61 12.25 19.15 -14.44
N TRP A 62 11.22 19.34 -15.27
CA TRP A 62 9.84 19.25 -14.74
C TRP A 62 9.55 17.85 -14.22
N LEU A 63 9.97 16.83 -14.99
CA LEU A 63 9.74 15.45 -14.57
C LEU A 63 10.53 15.12 -13.32
N ILE A 64 11.78 15.58 -13.26
CA ILE A 64 12.57 15.30 -12.05
C ILE A 64 11.87 15.88 -10.85
N GLY A 65 11.39 17.11 -10.97
CA GLY A 65 10.71 17.74 -9.81
C GLY A 65 9.50 16.95 -9.38
N GLU A 66 8.68 16.51 -10.34
CA GLU A 66 7.46 15.79 -9.97
C GLU A 66 7.79 14.43 -9.39
N LEU A 67 8.85 13.75 -9.87
CA LEU A 67 9.22 12.47 -9.27
C LEU A 67 9.69 12.67 -7.82
N ARG A 68 10.51 13.67 -7.57
CA ARG A 68 10.98 13.95 -6.23
C ARG A 68 9.81 14.26 -5.27
N ASN A 69 8.76 14.91 -5.77
CA ASN A 69 7.58 15.20 -4.94
C ASN A 69 6.89 13.94 -4.44
N ARG A 70 7.08 12.80 -5.09
CA ARG A 70 6.47 11.56 -4.63
C ARG A 70 7.36 10.77 -3.68
N GLY A 71 8.53 11.31 -3.35
CA GLY A 71 9.46 10.65 -2.44
C GLY A 71 9.81 9.23 -2.84
N GLY A 72 9.72 8.30 -1.88
CA GLY A 72 10.10 6.91 -2.16
C GLY A 72 9.08 6.09 -2.93
N THR A 73 7.93 6.68 -3.24
CA THR A 73 6.87 5.96 -3.90
C THR A 73 7.31 5.64 -5.33
N PRO A 74 7.12 4.42 -5.80
CA PRO A 74 7.46 4.13 -7.21
C PRO A 74 6.42 4.72 -8.14
N VAL A 75 6.84 5.06 -9.35
CA VAL A 75 5.99 5.77 -10.32
C VAL A 75 6.01 5.01 -11.65
N VAL A 76 4.84 4.72 -12.19
CA VAL A 76 4.62 4.16 -13.52
C VAL A 76 4.07 5.28 -14.39
N ILE A 77 4.69 5.49 -15.53
CA ILE A 77 4.25 6.53 -16.46
C ILE A 77 3.76 5.87 -17.74
N ASN A 78 2.50 6.07 -18.07
CA ASN A 78 1.93 5.54 -19.29
C ASN A 78 1.94 6.67 -20.32
N ILE A 79 2.84 6.58 -21.29
CA ILE A 79 3.07 7.70 -22.22
C ILE A 79 2.25 7.41 -23.46
N ARG A 80 1.18 8.18 -23.69
CA ARG A 80 0.31 7.81 -24.78
C ARG A 80 0.28 8.85 -25.87
N ALA A 81 1.19 9.82 -25.84
CA ALA A 81 1.22 10.86 -26.85
C ALA A 81 2.68 11.17 -27.07
N HIS A 82 3.03 11.61 -28.27
CA HIS A 82 4.43 11.79 -28.58
C HIS A 82 5.08 12.87 -27.71
N GLN A 83 6.39 12.73 -27.49
CA GLN A 83 7.13 13.62 -26.61
C GLN A 83 8.47 13.93 -27.25
N VAL A 84 8.85 15.21 -27.22
CA VAL A 84 10.14 15.63 -27.77
C VAL A 84 10.77 16.60 -26.78
N SER A 85 12.07 16.44 -26.53
CA SER A 85 12.77 17.37 -25.64
C SER A 85 12.72 18.81 -26.17
N TYR A 86 12.68 19.79 -25.25
CA TYR A 86 12.64 21.19 -25.74
C TYR A 86 13.97 21.65 -26.38
N THR A 87 15.05 20.92 -26.18
CA THR A 87 16.33 21.37 -26.72
C THR A 87 17.20 20.15 -26.95
N PRO A 88 18.08 20.17 -27.92
CA PRO A 88 18.97 19.02 -28.09
C PRO A 88 20.06 18.98 -27.04
N GLY A 89 20.27 20.07 -26.29
CA GLY A 89 21.29 20.11 -25.26
C GLY A 89 20.90 19.45 -23.97
N ALA A 90 19.68 18.91 -23.89
CA ALA A 90 19.25 18.22 -22.68
C ALA A 90 18.44 17.03 -23.11
N PRO A 91 18.60 15.87 -22.44
CA PRO A 91 17.79 14.71 -22.81
C PRO A 91 16.32 15.00 -22.52
N LEU A 92 15.46 14.27 -23.25
CA LEU A 92 14.01 14.31 -22.97
C LEU A 92 13.73 13.95 -21.53
N PHE A 93 14.26 12.80 -21.07
CA PHE A 93 14.08 12.30 -19.70
C PHE A 93 15.45 12.07 -19.13
N GLU A 94 15.64 12.51 -17.88
CA GLU A 94 16.85 12.27 -17.12
C GLU A 94 16.46 11.73 -15.75
N PHE A 95 17.12 10.67 -15.32
CA PHE A 95 16.78 10.01 -14.04
C PHE A 95 18.03 10.08 -13.16
N PRO A 96 18.19 11.16 -12.38
CA PRO A 96 19.42 11.33 -11.59
C PRO A 96 19.63 10.23 -10.55
N GLY A 97 20.90 9.96 -10.25
CA GLY A 97 21.20 8.89 -9.30
C GLY A 97 20.60 9.09 -7.91
N ASP A 98 20.29 10.33 -7.52
CA ASP A 98 19.70 10.56 -6.21
C ASP A 98 18.18 10.71 -6.24
N LEU A 99 17.50 10.18 -7.26
CA LEU A 99 16.04 10.13 -7.20
C LEU A 99 15.63 9.23 -6.04
N PRO A 100 14.56 9.58 -5.32
CA PRO A 100 14.15 8.77 -4.16
C PRO A 100 13.23 7.64 -4.49
N ASN A 101 12.64 7.63 -5.69
CA ASN A 101 11.59 6.67 -5.98
C ASN A 101 12.15 5.25 -6.00
N ALA A 102 11.41 4.32 -5.40
CA ALA A 102 11.92 2.94 -5.34
C ALA A 102 12.21 2.43 -6.73
N TYR A 103 11.33 2.72 -7.69
CA TYR A 103 11.57 2.39 -9.10
C TYR A 103 10.70 3.31 -9.93
N ILE A 104 11.06 3.42 -11.23
CA ILE A 104 10.25 4.18 -12.18
C ILE A 104 10.05 3.26 -13.38
N THR A 105 8.81 3.13 -13.83
CA THR A 105 8.49 2.35 -15.03
C THR A 105 7.98 3.27 -16.12
N LEU A 106 8.55 3.16 -17.32
CA LEU A 106 8.00 3.85 -18.48
C LEU A 106 7.27 2.83 -19.35
N ASN A 107 5.98 3.04 -19.55
CA ASN A 107 5.17 2.27 -20.49
C ASN A 107 4.95 3.17 -21.67
N ILE A 108 5.67 2.92 -22.75
CA ILE A 108 5.72 3.85 -23.87
C ILE A 108 4.75 3.37 -24.93
N TYR A 109 3.71 4.18 -25.22
CA TYR A 109 2.71 3.85 -26.21
C TYR A 109 2.66 4.91 -27.29
N ALA A 110 3.79 5.57 -27.54
CA ALA A 110 3.86 6.67 -28.50
C ALA A 110 5.31 6.78 -28.92
N ASP A 111 5.65 7.85 -29.65
CA ASP A 111 7.03 8.03 -30.08
C ASP A 111 7.66 9.08 -29.17
N ILE A 112 8.79 8.75 -28.53
CA ILE A 112 9.50 9.71 -27.69
C ILE A 112 10.89 9.97 -28.28
N TYR A 113 11.33 11.22 -28.18
CA TYR A 113 12.48 11.68 -28.98
C TYR A 113 13.37 12.63 -28.21
N GLY A 114 14.68 12.48 -28.36
CA GLY A 114 15.56 13.65 -28.20
C GLY A 114 15.34 14.62 -29.35
N ARG A 115 15.60 15.92 -29.12
CA ARG A 115 15.37 16.90 -30.18
C ARG A 115 16.45 16.83 -31.26
N GLY A 116 16.05 17.12 -32.49
CA GLY A 116 17.05 17.15 -33.58
C GLY A 116 18.08 18.24 -33.34
N GLY A 117 19.30 18.00 -33.81
CA GLY A 117 20.36 18.99 -33.70
C GLY A 117 20.23 20.12 -34.75
N THR A 118 20.78 21.28 -34.38
CA THR A 118 20.73 22.47 -35.21
C THR A 118 21.74 22.38 -36.36
N GLY A 119 21.30 22.79 -37.55
CA GLY A 119 22.22 22.79 -38.70
C GLY A 119 23.38 23.75 -38.49
N GLY A 120 24.54 23.35 -38.99
CA GLY A 120 25.70 24.21 -38.92
C GLY A 120 25.62 25.34 -39.96
N VAL A 121 26.47 26.33 -39.77
CA VAL A 121 26.53 27.50 -40.63
C VAL A 121 27.98 27.72 -41.06
N ALA A 122 28.19 28.02 -42.34
CA ALA A 122 29.53 28.47 -42.83
C ALA A 122 30.50 27.32 -42.59
N TYR A 123 31.70 27.56 -42.04
CA TYR A 123 32.69 26.48 -41.96
C TYR A 123 32.45 25.54 -40.77
N LEU A 124 31.33 25.67 -40.06
CA LEU A 124 31.11 24.84 -38.88
C LEU A 124 30.31 23.60 -39.24
N GLY A 125 30.64 22.47 -38.58
CA GLY A 125 29.84 21.27 -38.69
C GLY A 125 28.45 21.45 -38.07
N GLY A 126 27.55 20.48 -38.39
CA GLY A 126 26.26 20.48 -37.72
C GLY A 126 26.41 20.14 -36.25
N ASN A 127 25.32 20.46 -35.48
CA ASN A 127 25.41 20.18 -34.07
C ASN A 127 24.77 18.83 -33.77
N PRO A 128 25.20 18.16 -32.69
CA PRO A 128 24.72 16.79 -32.42
C PRO A 128 23.23 16.75 -32.10
N GLY A 129 22.60 15.64 -32.50
CA GLY A 129 21.24 15.34 -32.07
C GLY A 129 21.18 15.17 -30.56
N GLY A 130 19.99 15.44 -29.99
CA GLY A 130 19.85 15.26 -28.55
C GLY A 130 19.54 13.81 -28.22
N ASP A 131 19.87 13.45 -26.96
CA ASP A 131 19.58 12.13 -26.44
C ASP A 131 18.14 12.05 -25.97
N CYS A 132 17.60 10.85 -25.98
CA CYS A 132 16.23 10.65 -25.47
C CYS A 132 16.29 10.49 -23.95
N ILE A 133 16.85 9.38 -23.46
CA ILE A 133 16.84 9.07 -22.03
C ILE A 133 18.28 9.07 -21.50
N HIS A 134 18.52 9.80 -20.40
CA HIS A 134 19.71 9.61 -19.59
C HIS A 134 19.30 8.88 -18.32
N ASN A 135 19.85 7.70 -18.12
CA ASN A 135 19.44 6.88 -16.97
C ASN A 135 20.61 6.78 -16.01
N TRP A 136 20.44 7.32 -14.79
CA TRP A 136 21.49 7.17 -13.79
C TRP A 136 21.06 6.35 -12.59
N ILE A 137 19.96 5.62 -12.67
CA ILE A 137 19.48 4.80 -11.57
C ILE A 137 19.49 3.33 -11.92
N GLY A 138 20.18 2.95 -13.02
CA GLY A 138 20.28 1.54 -13.36
C GLY A 138 18.96 0.82 -13.47
N ASN A 139 18.91 -0.35 -12.86
CA ASN A 139 17.76 -1.23 -12.99
CA ASN A 139 17.77 -1.23 -12.98
C ASN A 139 16.54 -0.70 -12.25
N ARG A 140 16.67 0.38 -11.52
CA ARG A 140 15.49 1.03 -10.92
C ARG A 140 14.65 1.77 -11.97
N LEU A 141 15.21 2.05 -13.15
CA LEU A 141 14.39 2.43 -14.30
C LEU A 141 14.00 1.18 -15.09
N ARG A 142 12.71 1.00 -15.38
CA ARG A 142 12.26 -0.13 -16.19
C ARG A 142 11.51 0.40 -17.39
N ILE A 143 11.76 -0.17 -18.58
CA ILE A 143 11.21 0.38 -19.79
C ILE A 143 10.46 -0.70 -20.52
N ASN A 144 9.18 -0.41 -20.79
CA ASN A 144 8.29 -1.24 -21.56
C ASN A 144 8.00 -0.46 -22.83
N ASN A 145 8.84 -0.63 -23.87
CA ASN A 145 8.68 0.20 -25.05
C ASN A 145 7.73 -0.45 -26.05
N GLN A 146 6.49 0.05 -26.11
CA GLN A 146 5.52 -0.39 -27.11
C GLN A 146 5.35 0.66 -28.22
N GLY A 147 6.32 1.57 -28.36
CA GLY A 147 6.26 2.62 -29.34
C GLY A 147 7.63 2.78 -29.98
N TRP A 148 8.16 3.98 -29.97
CA TRP A 148 9.53 4.23 -30.46
C TRP A 148 10.27 5.04 -29.43
N ILE A 149 11.56 4.70 -29.21
CA ILE A 149 12.46 5.55 -28.45
C ILE A 149 13.51 6.03 -29.46
N CYS A 150 13.70 7.34 -29.61
CA CYS A 150 14.59 7.85 -30.68
C CYS A 150 15.56 8.89 -30.17
N GLY A 151 16.85 8.68 -30.42
CA GLY A 151 17.78 9.82 -30.37
C GLY A 151 17.54 10.75 -31.56
N GLY A 152 17.76 12.04 -31.34
CA GLY A 152 17.53 13.03 -32.38
C GLY A 152 18.59 12.94 -33.48
N GLY A 153 18.20 13.28 -34.70
CA GLY A 153 19.19 13.39 -35.78
C GLY A 153 20.13 14.57 -35.58
N GLY A 154 21.40 14.39 -36.06
CA GLY A 154 22.34 15.48 -36.10
C GLY A 154 21.95 16.53 -37.14
N GLY A 155 22.38 17.78 -36.91
CA GLY A 155 22.18 18.83 -37.91
C GLY A 155 23.17 18.70 -39.06
N GLY A 156 22.75 19.19 -40.22
CA GLY A 156 23.64 19.13 -41.40
C GLY A 156 24.83 20.07 -41.25
N GLY A 157 25.95 19.72 -41.91
CA GLY A 157 27.12 20.60 -41.87
C GLY A 157 26.89 21.90 -42.63
N GLY A 158 27.51 22.95 -42.17
CA GLY A 158 27.31 24.23 -42.82
C GLY A 158 28.06 24.31 -44.15
N PHE A 159 27.75 25.34 -44.93
CA PHE A 159 28.40 25.52 -46.23
C PHE A 159 29.15 26.85 -46.23
N ARG A 160 30.38 26.83 -46.71
CA ARG A 160 30.98 28.11 -47.03
C ARG A 160 32.00 27.89 -48.13
N VAL A 161 31.98 28.76 -49.13
CA VAL A 161 33.08 28.89 -50.09
C VAL A 161 33.27 30.36 -50.33
N GLY A 162 34.47 30.85 -50.09
CA GLY A 162 34.73 32.26 -50.26
C GLY A 162 33.89 33.06 -49.32
N HIS A 163 33.05 33.94 -49.86
CA HIS A 163 32.19 34.79 -49.06
C HIS A 163 30.77 34.26 -48.94
N THR A 164 30.46 33.15 -49.58
CA THR A 164 29.12 32.60 -49.58
C THR A 164 28.98 31.67 -48.38
N GLU A 165 28.03 31.97 -47.48
CA GLU A 165 27.80 31.13 -46.31
C GLU A 165 26.34 30.67 -46.27
N ALA A 166 26.12 29.38 -46.00
CA ALA A 166 24.76 28.87 -45.95
C ALA A 166 24.63 27.90 -44.79
N GLY A 167 23.39 27.61 -44.42
CA GLY A 167 23.11 26.76 -43.26
C GLY A 167 22.63 25.35 -43.60
N GLY A 168 22.98 24.36 -42.74
CA GLY A 168 22.49 22.99 -42.87
C GLY A 168 21.10 22.80 -42.29
N GLY A 169 20.48 21.69 -42.67
CA GLY A 169 19.14 21.41 -42.23
C GLY A 169 19.15 20.91 -40.78
N GLY A 170 18.06 21.14 -40.09
CA GLY A 170 17.95 20.62 -38.71
C GLY A 170 17.71 19.11 -38.72
N GLY A 171 18.25 18.44 -37.69
CA GLY A 171 18.01 17.00 -37.52
C GLY A 171 16.57 16.72 -37.08
N ARG A 172 16.07 15.56 -37.45
CA ARG A 172 14.72 15.13 -36.98
C ARG A 172 14.80 14.67 -35.51
N PRO A 173 13.79 15.03 -34.68
CA PRO A 173 12.66 15.89 -34.98
C PRO A 173 12.90 17.34 -34.63
N LEU A 174 12.32 18.25 -35.43
CA LEU A 174 12.18 19.66 -35.07
C LEU A 174 13.51 20.40 -34.89
N GLY A 175 14.60 19.83 -35.34
CA GLY A 175 15.87 20.55 -35.27
C GLY A 175 15.83 21.82 -36.09
N ALA A 176 16.53 22.83 -35.60
CA ALA A 176 16.59 24.13 -36.28
C ALA A 176 17.53 24.09 -37.48
N GLY A 177 17.10 24.67 -38.59
CA GLY A 177 18.02 24.89 -39.69
C GLY A 177 19.03 25.97 -39.31
N GLY A 178 20.24 25.84 -39.85
CA GLY A 178 21.26 26.86 -39.63
C GLY A 178 20.87 28.18 -40.30
N VAL A 179 21.02 29.28 -39.56
CA VAL A 179 20.70 30.62 -40.11
C VAL A 179 22.01 31.31 -40.41
N SER A 180 22.29 31.58 -41.71
CA SER A 180 23.55 32.20 -42.09
C SER A 180 23.46 33.73 -42.08
N SER A 181 24.65 34.36 -42.13
CA SER A 181 24.74 35.82 -42.09
C SER A 181 24.02 36.44 -43.28
N LEU A 182 23.86 35.69 -44.36
CA LEU A 182 23.23 36.13 -45.59
C LEU A 182 21.78 35.69 -45.71
N ASN A 183 21.20 35.06 -44.67
CA ASN A 183 19.85 34.47 -44.76
C ASN A 183 19.77 33.43 -45.86
N LEU A 184 20.87 32.68 -46.05
CA LEU A 184 20.90 31.45 -46.86
C LEU A 184 20.77 30.28 -45.88
N ASN A 185 19.54 29.98 -45.49
CA ASN A 185 19.30 29.17 -44.30
C ASN A 185 18.89 27.74 -44.65
N GLY A 186 19.22 26.82 -43.73
CA GLY A 186 18.68 25.48 -43.77
C GLY A 186 17.24 25.44 -43.28
N ASP A 187 16.51 24.40 -43.70
N ASP A 187 16.51 24.39 -43.67
CA ASP A 187 15.14 24.20 -43.25
CA ASP A 187 15.13 24.24 -43.25
C ASP A 187 15.10 23.63 -41.83
C ASP A 187 15.06 23.59 -41.86
N ASN A 188 14.12 24.06 -41.05
CA ASN A 188 13.79 23.35 -39.80
C ASN A 188 13.27 21.97 -40.14
N ALA A 189 13.58 21.00 -39.28
CA ALA A 189 12.99 19.68 -39.46
C ALA A 189 11.53 19.71 -38.98
N THR A 190 10.77 18.69 -39.40
CA THR A 190 9.44 18.44 -38.85
C THR A 190 9.54 17.35 -37.78
N LEU A 191 8.40 16.97 -37.21
CA LEU A 191 8.38 15.81 -36.32
C LEU A 191 8.81 14.55 -37.06
N GLY A 192 8.38 14.41 -38.31
CA GLY A 192 8.53 13.15 -39.00
C GLY A 192 9.71 13.03 -39.97
N ALA A 193 10.42 14.13 -40.21
CA ALA A 193 11.47 14.09 -41.21
C ALA A 193 12.48 15.21 -40.92
N PRO A 194 13.75 15.02 -41.29
CA PRO A 194 14.74 16.09 -41.10
C PRO A 194 14.51 17.22 -42.09
N GLY A 195 15.25 18.31 -41.85
CA GLY A 195 15.18 19.52 -42.65
C GLY A 195 16.26 19.52 -43.75
N ARG A 196 15.89 20.07 -44.89
CA ARG A 196 16.82 20.12 -46.01
C ARG A 196 17.80 21.28 -45.79
N GLY A 197 19.03 21.03 -46.08
CA GLY A 197 20.01 22.11 -46.12
C GLY A 197 19.75 23.08 -47.28
N TYR A 198 20.33 24.27 -47.15
CA TYR A 198 20.29 25.18 -48.28
C TYR A 198 21.03 24.56 -49.47
N GLN A 199 20.43 24.66 -50.66
CA GLN A 199 21.04 24.03 -51.84
C GLN A 199 21.12 25.02 -52.99
N LEU A 200 22.25 25.03 -53.68
CA LEU A 200 22.34 25.71 -54.97
C LEU A 200 23.12 24.81 -55.95
N GLY A 201 22.38 24.09 -56.80
CA GLY A 201 23.03 23.17 -57.74
C GLY A 201 23.92 22.16 -57.03
N ASN A 202 25.18 22.06 -57.47
CA ASN A 202 26.16 21.18 -56.87
C ASN A 202 26.66 21.70 -55.54
N ASP A 203 26.24 22.90 -55.15
CA ASP A 203 26.63 23.47 -53.88
C ASP A 203 25.49 23.30 -52.88
N TYR A 204 25.82 22.80 -51.67
CA TYR A 204 24.76 22.72 -50.67
C TYR A 204 25.31 22.59 -49.24
N ALA A 205 24.51 23.06 -48.27
CA ALA A 205 24.80 22.67 -46.90
C ALA A 205 24.07 21.36 -46.61
N GLY A 206 24.61 20.59 -45.66
CA GLY A 206 24.09 19.23 -45.39
C GLY A 206 22.65 19.22 -44.91
N ASN A 207 21.93 18.14 -45.23
CA ASN A 207 20.61 17.94 -44.64
C ASN A 207 20.72 17.43 -43.18
N GLY A 208 19.65 17.67 -42.44
CA GLY A 208 19.57 17.10 -41.09
C GLY A 208 19.51 15.57 -41.17
N GLY A 209 19.94 14.89 -40.08
CA GLY A 209 19.83 13.43 -40.01
C GLY A 209 18.46 12.96 -39.55
N ASP A 210 18.05 11.78 -40.00
CA ASP A 210 16.86 11.12 -39.49
C ASP A 210 17.13 10.69 -38.05
N VAL A 211 16.08 10.26 -37.33
CA VAL A 211 16.33 9.86 -35.94
C VAL A 211 17.45 8.84 -35.83
N GLY A 212 18.29 9.03 -34.81
CA GLY A 212 19.36 8.08 -34.56
C GLY A 212 20.49 8.11 -35.57
N ASN A 213 20.56 9.16 -36.38
CA ASN A 213 21.63 9.24 -37.36
CA ASN A 213 21.47 9.35 -37.54
C ASN A 213 22.30 10.61 -37.38
N PRO A 214 23.54 10.65 -37.83
CA PRO A 214 24.24 11.93 -37.92
C PRO A 214 23.66 12.80 -39.05
N GLY A 215 23.95 14.11 -38.99
CA GLY A 215 23.56 14.98 -40.09
C GLY A 215 24.41 14.67 -41.32
N SER A 216 23.95 15.11 -42.49
CA SER A 216 24.79 14.99 -43.70
C SER A 216 25.91 16.02 -43.71
N ALA A 217 27.03 15.63 -44.31
CA ALA A 217 28.08 16.59 -44.63
C ALA A 217 27.67 17.56 -45.74
N SER A 218 28.21 18.79 -45.68
CA SER A 218 27.96 19.72 -46.78
C SER A 218 28.82 19.37 -48.00
N SER A 219 28.49 20.00 -49.14
CA SER A 219 29.32 19.82 -50.34
C SER A 219 30.73 20.34 -50.13
N ALA A 220 30.94 21.22 -49.15
CA ALA A 220 32.26 21.76 -48.80
C ALA A 220 32.96 20.95 -47.73
N GLU A 221 32.37 19.81 -47.36
CA GLU A 221 32.91 18.85 -46.41
C GLU A 221 32.88 19.34 -44.96
N MET A 222 31.97 20.25 -44.59
CA MET A 222 31.70 20.42 -43.16
C MET A 222 30.86 19.22 -42.74
N GLY A 223 31.23 18.57 -41.64
CA GLY A 223 30.59 17.31 -41.25
C GLY A 223 29.25 17.54 -40.58
N GLY A 224 28.38 16.53 -40.68
CA GLY A 224 27.11 16.57 -39.94
C GLY A 224 27.32 16.41 -38.45
N GLY A 225 26.34 16.89 -37.67
CA GLY A 225 26.39 16.64 -36.23
C GLY A 225 26.23 15.17 -35.91
N ALA A 226 26.78 14.77 -34.77
CA ALA A 226 26.71 13.36 -34.39
C ALA A 226 25.25 12.97 -34.10
N ALA A 227 24.96 11.69 -34.24
CA ALA A 227 23.62 11.17 -33.89
C ALA A 227 23.33 11.34 -32.41
N GLY A 228 22.09 11.74 -32.08
CA GLY A 228 21.59 11.56 -30.72
C GLY A 228 21.44 10.09 -30.37
N ARG A 229 21.36 9.82 -29.08
CA ARG A 229 21.35 8.44 -28.56
C ARG A 229 20.02 8.18 -27.90
N ALA A 230 19.54 6.93 -27.99
CA ALA A 230 18.24 6.60 -27.41
C ALA A 230 18.30 6.51 -25.89
N VAL A 231 19.25 5.74 -25.35
CA VAL A 231 19.35 5.57 -23.89
C VAL A 231 20.82 5.62 -23.57
N VAL A 232 21.17 6.37 -22.55
CA VAL A 232 22.54 6.72 -22.20
C VAL A 232 22.74 6.50 -20.71
N GLY A 233 23.97 6.10 -20.33
CA GLY A 233 24.36 6.20 -18.91
C GLY A 233 24.46 4.89 -18.15
N THR A 234 23.35 4.33 -17.68
CA THR A 234 23.33 3.00 -17.04
C THR A 234 22.16 2.23 -17.59
N SER A 235 22.26 0.89 -17.55
CA SER A 235 21.28 0.04 -18.21
CA SER A 235 21.27 0.06 -18.21
C SER A 235 20.00 -0.01 -17.36
N PRO A 236 18.84 0.28 -17.93
CA PRO A 236 17.57 0.04 -17.24
C PRO A 236 17.22 -1.44 -17.36
N GLN A 237 16.20 -1.87 -16.61
N GLN A 237 16.13 -1.83 -16.72
CA GLN A 237 15.57 -3.14 -16.91
CA GLN A 237 15.55 -3.16 -16.91
C GLN A 237 14.75 -2.96 -18.18
C GLN A 237 14.59 -3.10 -18.10
N TRP A 238 14.89 -3.87 -19.14
CA TRP A 238 14.07 -3.85 -20.35
C TRP A 238 12.90 -4.83 -20.24
N ILE A 239 11.71 -4.28 -19.89
CA ILE A 239 10.48 -5.05 -19.95
C ILE A 239 10.18 -5.41 -21.39
N ASN A 240 10.30 -4.44 -22.30
CA ASN A 240 10.27 -4.69 -23.75
C ASN A 240 11.19 -3.70 -24.45
N VAL A 241 12.19 -4.19 -25.22
CA VAL A 241 13.09 -3.30 -25.93
C VAL A 241 12.35 -2.55 -27.04
N GLY A 242 11.59 -3.28 -27.87
CA GLY A 242 10.79 -2.62 -28.87
C GLY A 242 11.62 -1.92 -29.95
N ASN A 243 11.02 -0.89 -30.53
CA ASN A 243 11.58 -0.12 -31.66
C ASN A 243 12.43 1.03 -31.14
N ILE A 244 13.72 1.02 -31.48
CA ILE A 244 14.67 2.02 -31.00
C ILE A 244 15.48 2.53 -32.18
N ALA A 245 15.65 3.85 -32.25
CA ALA A 245 16.51 4.52 -33.24
C ALA A 245 17.63 5.21 -32.46
N GLY A 246 18.87 4.80 -32.71
CA GLY A 246 19.96 5.31 -31.92
C GLY A 246 20.47 4.28 -30.93
N SER A 247 21.60 4.60 -30.34
CA SER A 247 22.21 3.62 -29.46
C SER A 247 21.52 3.56 -28.09
N TRP A 248 21.64 2.41 -27.45
CA TRP A 248 21.01 2.22 -26.13
C TRP A 248 21.89 1.27 -25.34
N LEU A 249 21.46 0.90 -24.15
CA LEU A 249 22.28 -0.03 -23.35
C LEU A 249 21.37 -0.69 -22.34
N SER B 25 -18.28 -26.17 42.92
CA SER B 25 -19.01 -27.31 42.36
C SER B 25 -18.60 -27.52 40.90
N ALA B 26 -19.00 -28.68 40.38
CA ALA B 26 -18.47 -29.11 39.09
C ALA B 26 -19.20 -28.48 37.93
N SER B 27 -20.45 -28.01 38.13
CA SER B 27 -21.32 -27.65 37.03
C SER B 27 -22.33 -26.63 37.55
N ILE B 28 -22.41 -25.50 36.87
CA ILE B 28 -23.36 -24.43 37.15
C ILE B 28 -24.28 -24.36 35.95
N ALA B 29 -25.47 -24.94 36.02
CA ALA B 29 -26.42 -24.76 34.93
C ALA B 29 -27.05 -23.39 35.00
N ILE B 30 -27.22 -22.76 33.84
CA ILE B 30 -27.83 -21.45 33.77
C ILE B 30 -29.07 -21.59 32.90
N GLY B 31 -30.25 -21.69 33.50
N GLY B 31 -30.23 -21.65 33.55
CA GLY B 31 -31.43 -21.77 32.64
CA GLY B 31 -31.45 -22.01 32.86
C GLY B 31 -31.93 -23.12 32.17
C GLY B 31 -31.44 -23.48 32.48
N ASP B 32 -31.25 -23.76 31.20
CA ASP B 32 -31.44 -25.15 30.81
C ASP B 32 -30.21 -25.95 31.18
N ASN B 33 -30.35 -27.27 31.36
CA ASN B 33 -29.28 -28.04 31.99
C ASN B 33 -28.20 -28.49 31.00
N ASP B 34 -28.19 -27.98 29.82
CA ASP B 34 -27.14 -28.14 28.82
CA ASP B 34 -26.95 -28.19 29.06
C ASP B 34 -26.29 -26.87 28.68
N THR B 35 -26.53 -25.86 29.51
CA THR B 35 -26.01 -24.53 29.28
C THR B 35 -25.48 -23.96 30.60
N GLY B 36 -24.31 -23.37 30.58
CA GLY B 36 -23.75 -22.65 31.74
C GLY B 36 -22.23 -22.81 31.79
N LEU B 37 -21.72 -23.08 33.00
CA LEU B 37 -20.28 -23.05 33.26
C LEU B 37 -19.92 -24.35 33.96
N ARG B 38 -18.77 -24.93 33.61
CA ARG B 38 -18.40 -26.16 34.30
C ARG B 38 -16.89 -26.32 34.42
N TRP B 39 -16.51 -27.16 35.39
CA TRP B 39 -15.12 -27.56 35.58
C TRP B 39 -14.54 -28.07 34.27
N GLY B 40 -13.34 -27.58 33.88
CA GLY B 40 -12.68 -28.11 32.72
C GLY B 40 -11.25 -28.59 32.95
N GLY B 41 -10.91 -28.84 34.22
CA GLY B 41 -9.57 -29.17 34.67
C GLY B 41 -9.15 -28.25 35.79
N ASP B 42 -7.90 -28.40 36.21
CA ASP B 42 -7.45 -27.66 37.38
C ASP B 42 -7.25 -26.18 37.04
N GLY B 43 -8.06 -25.33 37.67
CA GLY B 43 -8.04 -23.91 37.40
C GLY B 43 -8.57 -23.59 36.03
N ILE B 44 -9.49 -24.41 35.50
CA ILE B 44 -10.00 -24.22 34.15
C ILE B 44 -11.53 -24.25 34.19
N VAL B 45 -12.18 -23.30 33.49
CA VAL B 45 -13.63 -23.27 33.37
C VAL B 45 -14.00 -23.43 31.90
N GLN B 46 -15.04 -24.24 31.63
CA GLN B 46 -15.61 -24.31 30.28
C GLN B 46 -16.91 -23.52 30.25
N ILE B 47 -17.11 -22.81 29.15
CA ILE B 47 -18.31 -22.04 28.85
C ILE B 47 -19.13 -22.88 27.86
N VAL B 48 -20.38 -23.23 28.22
CA VAL B 48 -21.13 -24.27 27.51
C VAL B 48 -22.49 -23.72 27.12
N ALA B 49 -22.97 -24.05 25.91
CA ALA B 49 -24.32 -23.63 25.53
C ALA B 49 -24.94 -24.74 24.68
N ASN B 50 -26.07 -25.28 25.14
CA ASN B 50 -26.70 -26.46 24.52
CA ASN B 50 -26.70 -26.44 24.51
C ASN B 50 -25.69 -27.53 24.16
N ASN B 51 -24.90 -27.88 25.15
CA ASN B 51 -23.81 -28.88 25.09
C ASN B 51 -22.61 -28.50 24.24
N ALA B 52 -22.65 -27.43 23.46
CA ALA B 52 -21.47 -27.01 22.71
C ALA B 52 -20.48 -26.38 23.70
N ILE B 53 -19.20 -26.74 23.61
CA ILE B 53 -18.17 -26.06 24.40
C ILE B 53 -17.74 -24.84 23.57
N VAL B 54 -18.22 -23.66 23.96
CA VAL B 54 -18.03 -22.42 23.21
C VAL B 54 -16.67 -21.82 23.54
N GLY B 55 -16.22 -21.99 24.77
CA GLY B 55 -14.95 -21.39 25.16
C GLY B 55 -14.65 -21.67 26.61
N GLY B 56 -13.86 -20.82 27.27
CA GLY B 56 -13.55 -21.06 28.66
C GLY B 56 -12.53 -20.05 29.13
N TRP B 57 -11.99 -20.28 30.34
CA TRP B 57 -10.87 -19.47 30.78
C TRP B 57 -9.97 -20.29 31.69
N ASN B 58 -8.75 -19.81 31.84
CA ASN B 58 -7.80 -20.38 32.78
C ASN B 58 -7.10 -19.19 33.43
N SER B 59 -5.95 -19.42 34.11
CA SER B 59 -5.34 -18.32 34.84
C SER B 59 -4.69 -17.27 33.94
N THR B 60 -4.51 -17.54 32.66
CA THR B 60 -3.80 -16.62 31.78
C THR B 60 -4.63 -16.10 30.61
N ASP B 61 -5.78 -16.71 30.32
CA ASP B 61 -6.46 -16.52 29.05
C ASP B 61 -7.98 -16.66 29.21
N ILE B 62 -8.73 -15.84 28.49
CA ILE B 62 -10.14 -16.13 28.15
C ILE B 62 -10.15 -16.47 26.67
N PHE B 63 -10.85 -17.55 26.29
CA PHE B 63 -10.69 -18.05 24.92
C PHE B 63 -11.99 -18.69 24.41
N THR B 64 -12.11 -18.75 23.09
CA THR B 64 -13.11 -19.64 22.49
C THR B 64 -12.43 -20.91 21.99
N GLU B 65 -13.26 -21.95 21.83
CA GLU B 65 -12.77 -23.19 21.20
C GLU B 65 -12.70 -23.03 19.70
N ALA B 66 -12.11 -24.05 19.03
CA ALA B 66 -11.93 -23.96 17.58
C ALA B 66 -13.26 -23.74 16.86
N GLY B 67 -13.25 -22.77 15.95
CA GLY B 67 -14.41 -22.50 15.14
C GLY B 67 -15.51 -21.76 15.88
N LYS B 68 -15.25 -21.33 17.12
CA LYS B 68 -16.21 -20.55 17.90
C LYS B 68 -15.74 -19.11 17.95
N HIS B 69 -16.65 -18.13 17.80
CA HIS B 69 -16.24 -16.76 17.54
C HIS B 69 -16.39 -15.86 18.76
N ILE B 70 -15.63 -14.76 18.72
CA ILE B 70 -15.75 -13.64 19.67
C ILE B 70 -16.14 -12.42 18.86
N THR B 71 -17.25 -11.77 19.26
CA THR B 71 -17.74 -10.60 18.50
C THR B 71 -18.01 -9.46 19.47
N SER B 72 -17.34 -8.32 19.27
CA SER B 72 -17.79 -7.13 19.95
C SER B 72 -18.77 -6.39 19.04
N ASN B 73 -19.94 -6.02 19.59
CA ASN B 73 -20.83 -5.12 18.86
C ASN B 73 -20.68 -3.68 19.33
N GLY B 74 -19.56 -3.37 20.01
CA GLY B 74 -19.08 -2.04 20.32
C GLY B 74 -17.69 -1.87 19.73
N ASN B 75 -16.75 -1.48 20.56
CA ASN B 75 -15.33 -1.44 20.22
C ASN B 75 -14.67 -2.74 20.69
N LEU B 76 -13.51 -3.01 20.07
CA LEU B 76 -12.71 -4.16 20.42
C LEU B 76 -11.30 -3.63 20.64
N ASN B 77 -10.85 -3.68 21.88
CA ASN B 77 -9.67 -2.90 22.26
C ASN B 77 -8.56 -3.81 22.74
N GLN B 78 -7.32 -3.39 22.46
CA GLN B 78 -6.14 -3.97 23.11
C GLN B 78 -5.36 -2.80 23.67
N TRP B 79 -5.30 -2.71 25.01
CA TRP B 79 -4.63 -1.58 25.69
C TRP B 79 -3.34 -2.04 26.35
N GLY B 80 -2.31 -1.19 26.32
CA GLY B 80 -1.08 -1.51 27.03
C GLY B 80 0.01 -1.95 26.06
N GLY B 81 1.04 -2.57 26.62
CA GLY B 81 2.22 -2.89 25.84
C GLY B 81 2.11 -4.13 24.96
N GLY B 82 0.98 -4.87 25.03
CA GLY B 82 0.77 -6.06 24.20
C GLY B 82 0.41 -5.67 22.77
N ALA B 83 -0.28 -6.58 22.10
CA ALA B 83 -0.60 -6.38 20.69
C ALA B 83 -1.78 -7.25 20.29
N ILE B 84 -2.25 -7.03 19.06
CA ILE B 84 -3.20 -7.97 18.43
C ILE B 84 -2.39 -8.91 17.53
N TYR B 85 -2.68 -10.20 17.62
CA TYR B 85 -2.06 -11.17 16.73
C TYR B 85 -3.14 -11.91 15.98
N CYS B 86 -2.97 -12.08 14.66
CA CYS B 86 -3.99 -12.77 13.88
C CYS B 86 -3.33 -13.49 12.70
N ARG B 87 -4.15 -14.31 12.04
CA ARG B 87 -3.73 -14.94 10.79
C ARG B 87 -3.86 -13.95 9.62
N ASP B 88 -5.01 -13.30 9.53
CA ASP B 88 -5.24 -12.23 8.59
C ASP B 88 -6.33 -11.34 9.15
N LEU B 89 -6.46 -10.18 8.54
CA LEU B 89 -7.31 -9.07 9.03
C LEU B 89 -8.09 -8.54 7.86
N ASN B 90 -9.40 -8.40 8.01
CA ASN B 90 -10.25 -7.81 6.97
C ASN B 90 -10.82 -6.53 7.53
N VAL B 91 -10.49 -5.40 6.90
CA VAL B 91 -11.06 -4.11 7.27
C VAL B 91 -12.10 -3.73 6.21
N SER B 92 -13.35 -3.50 6.61
CA SER B 92 -14.35 -3.33 5.56
C SER B 92 -14.25 -1.90 5.02
N GLY C 21 -36.50 -10.99 41.43
CA GLY C 21 -35.69 -9.81 41.20
C GLY C 21 -35.47 -9.63 39.72
N ALA C 22 -34.60 -8.67 39.35
CA ALA C 22 -34.41 -8.33 37.94
C ALA C 22 -33.61 -9.38 37.19
N LEU C 23 -32.79 -10.17 37.86
CA LEU C 23 -32.20 -11.30 37.14
C LEU C 23 -33.17 -12.48 37.01
N GLY C 24 -34.19 -12.54 37.83
CA GLY C 24 -35.14 -13.65 37.76
C GLY C 24 -34.65 -14.97 38.32
N SER C 25 -35.46 -16.00 38.04
CA SER C 25 -35.24 -17.32 38.66
C SER C 25 -34.20 -18.16 37.95
N ALA C 26 -33.97 -17.91 36.67
CA ALA C 26 -32.98 -18.65 35.90
C ALA C 26 -31.72 -17.79 35.76
N SER C 27 -31.11 -17.51 36.90
CA SER C 27 -30.01 -16.56 36.95
C SER C 27 -29.06 -16.94 38.07
N ILE C 28 -27.86 -16.40 37.99
CA ILE C 28 -26.79 -16.55 39.01
C ILE C 28 -26.46 -15.10 39.40
N ALA C 29 -26.90 -14.65 40.56
CA ALA C 29 -26.58 -13.28 41.01
C ALA C 29 -25.18 -13.25 41.61
N ILE C 30 -24.39 -12.23 41.27
CA ILE C 30 -23.03 -12.14 41.73
C ILE C 30 -22.87 -10.77 42.35
N GLY C 31 -22.69 -10.72 43.65
CA GLY C 31 -22.51 -9.46 44.33
C GLY C 31 -23.82 -8.87 44.78
N ASP C 32 -24.62 -8.45 43.82
CA ASP C 32 -25.90 -7.81 44.05
C ASP C 32 -26.91 -8.42 43.10
N ASN C 33 -28.16 -8.05 43.33
CA ASN C 33 -29.25 -8.74 42.68
C ASN C 33 -29.47 -8.32 41.25
N ASP C 34 -28.74 -7.34 40.70
CA ASP C 34 -28.93 -7.09 39.28
C ASP C 34 -27.63 -7.21 38.50
N THR C 35 -26.69 -7.97 39.04
CA THR C 35 -25.42 -8.27 38.38
C THR C 35 -25.20 -9.77 38.37
N GLY C 36 -24.71 -10.30 37.23
CA GLY C 36 -24.45 -11.70 37.27
C GLY C 36 -24.75 -12.31 35.90
N LEU C 37 -25.32 -13.53 35.90
CA LEU C 37 -25.59 -14.25 34.65
C LEU C 37 -27.07 -14.55 34.59
N ARG C 38 -27.67 -14.37 33.43
CA ARG C 38 -29.12 -14.58 33.26
C ARG C 38 -29.39 -15.42 32.01
N TRP C 39 -30.21 -16.46 32.17
CA TRP C 39 -30.63 -17.24 31.00
C TRP C 39 -31.31 -16.37 29.97
N GLY C 40 -30.95 -16.60 28.68
CA GLY C 40 -31.52 -15.82 27.60
C GLY C 40 -32.54 -16.58 26.77
N GLY C 41 -32.90 -17.79 27.18
CA GLY C 41 -33.55 -18.75 26.32
C GLY C 41 -32.63 -19.93 26.08
N ASP C 42 -33.20 -20.98 25.50
CA ASP C 42 -32.46 -22.21 25.46
C ASP C 42 -31.10 -21.98 24.79
N GLY C 43 -30.05 -22.45 25.46
CA GLY C 43 -28.69 -22.32 24.97
C GLY C 43 -28.16 -20.92 24.90
N ILE C 44 -28.72 -19.98 25.66
CA ILE C 44 -28.27 -18.59 25.58
C ILE C 44 -28.03 -18.11 27.00
N VAL C 45 -26.91 -17.43 27.23
CA VAL C 45 -26.69 -16.79 28.54
C VAL C 45 -26.43 -15.32 28.34
N GLN C 46 -26.98 -14.50 29.24
CA GLN C 46 -26.72 -13.05 29.25
C GLN C 46 -25.74 -12.70 30.35
N ILE C 47 -24.79 -11.81 30.05
CA ILE C 47 -23.83 -11.28 31.01
C ILE C 47 -24.37 -9.92 31.42
N VAL C 48 -24.65 -9.73 32.72
CA VAL C 48 -25.44 -8.59 33.20
C VAL C 48 -24.70 -7.86 34.31
N ALA C 49 -24.77 -6.52 34.32
CA ALA C 49 -24.16 -5.76 35.43
C ALA C 49 -25.04 -4.53 35.66
N ASN C 50 -25.51 -4.36 36.90
CA ASN C 50 -26.40 -3.26 37.24
C ASN C 50 -27.52 -3.14 36.24
N ASN C 51 -28.10 -4.28 35.90
CA ASN C 51 -29.24 -4.46 35.00
C ASN C 51 -28.93 -4.15 33.56
N ALA C 52 -27.70 -3.83 33.22
CA ALA C 52 -27.33 -3.66 31.83
C ALA C 52 -26.91 -5.02 31.27
N ILE C 53 -27.36 -5.32 30.05
CA ILE C 53 -26.95 -6.53 29.34
C ILE C 53 -25.69 -6.16 28.57
N VAL C 54 -24.55 -6.59 29.11
CA VAL C 54 -23.25 -6.27 28.51
CA VAL C 54 -23.31 -6.22 28.46
C VAL C 54 -22.96 -7.18 27.33
N GLY C 55 -23.34 -8.44 27.44
CA GLY C 55 -23.00 -9.39 26.37
C GLY C 55 -23.55 -10.74 26.74
N GLY C 56 -22.98 -11.81 26.22
CA GLY C 56 -23.60 -13.10 26.41
C GLY C 56 -22.87 -14.14 25.58
N TRP C 57 -23.43 -15.35 25.59
CA TRP C 57 -22.88 -16.36 24.69
C TRP C 57 -24.00 -17.29 24.28
N ASN C 58 -23.78 -17.94 23.14
CA ASN C 58 -24.67 -19.02 22.69
C ASN C 58 -23.76 -20.15 22.17
N SER C 59 -24.33 -21.13 21.45
CA SER C 59 -23.55 -22.32 21.15
C SER C 59 -22.41 -22.02 20.18
N THR C 60 -22.45 -20.90 19.48
CA THR C 60 -21.48 -20.60 18.44
C THR C 60 -20.61 -19.38 18.71
N ASP C 61 -21.00 -18.52 19.67
CA ASP C 61 -20.41 -17.19 19.76
C ASP C 61 -20.33 -16.74 21.22
N ILE C 62 -19.28 -16.00 21.57
CA ILE C 62 -19.27 -15.11 22.74
C ILE C 62 -19.33 -13.69 22.20
N PHE C 63 -20.14 -12.81 22.79
CA PHE C 63 -20.35 -11.51 22.18
C PHE C 63 -20.65 -10.43 23.21
N THR C 64 -20.53 -9.18 22.79
CA THR C 64 -21.13 -8.07 23.53
C THR C 64 -22.35 -7.56 22.75
N GLU C 65 -23.23 -6.92 23.51
CA GLU C 65 -24.36 -6.22 22.92
C GLU C 65 -23.91 -4.92 22.25
N ALA C 66 -24.82 -4.35 21.49
CA ALA C 66 -24.52 -3.10 20.78
C ALA C 66 -23.99 -2.02 21.71
N GLY C 67 -22.86 -1.41 21.30
CA GLY C 67 -22.24 -0.37 22.08
C GLY C 67 -21.51 -0.79 23.32
N LYS C 68 -21.40 -2.10 23.56
CA LYS C 68 -20.69 -2.64 24.70
C LYS C 68 -19.37 -3.24 24.21
N HIS C 69 -18.30 -3.04 25.01
CA HIS C 69 -16.94 -3.20 24.46
C HIS C 69 -16.27 -4.46 24.99
N ILE C 70 -15.33 -4.99 24.20
CA ILE C 70 -14.43 -6.05 24.66
C ILE C 70 -13.03 -5.48 24.68
N THR C 71 -12.34 -5.60 25.82
CA THR C 71 -11.03 -5.00 26.01
C THR C 71 -10.05 -6.00 26.58
N SER C 72 -8.92 -6.21 25.87
CA SER C 72 -7.82 -6.93 26.48
C SER C 72 -6.80 -5.94 27.01
N ASN C 73 -6.35 -6.16 28.25
CA ASN C 73 -5.15 -5.47 28.74
C ASN C 73 -3.92 -6.36 28.67
N GLY C 74 -3.96 -7.42 27.87
CA GLY C 74 -2.78 -8.20 27.51
C GLY C 74 -2.70 -8.18 25.98
N ASN C 75 -2.72 -9.36 25.38
CA ASN C 75 -2.81 -9.52 23.93
C ASN C 75 -4.23 -9.90 23.55
N LEU C 76 -4.53 -9.66 22.28
CA LEU C 76 -5.82 -10.00 21.72
C LEU C 76 -5.50 -10.82 20.49
N ASN C 77 -5.92 -12.10 20.49
CA ASN C 77 -5.43 -13.07 19.53
C ASN C 77 -6.55 -13.72 18.73
N GLN C 78 -6.24 -13.96 17.43
CA GLN C 78 -7.08 -14.82 16.59
C GLN C 78 -6.15 -15.91 16.07
N TRP C 79 -6.36 -17.15 16.49
CA TRP C 79 -5.53 -18.28 16.06
C TRP C 79 -6.31 -19.21 15.16
N GLY C 80 -5.64 -19.70 14.12
CA GLY C 80 -6.25 -20.70 13.28
C GLY C 80 -6.75 -20.17 11.94
N GLY C 81 -7.59 -20.97 11.29
CA GLY C 81 -7.93 -20.58 9.90
C GLY C 81 -8.96 -19.48 9.69
N GLY C 82 -9.52 -18.94 10.80
CA GLY C 82 -10.41 -17.79 10.74
C GLY C 82 -9.60 -16.51 10.56
N ALA C 83 -10.21 -15.38 10.95
CA ALA C 83 -9.60 -14.06 10.70
C ALA C 83 -10.21 -13.06 11.68
N ILE C 84 -9.62 -11.89 11.70
CA ILE C 84 -10.19 -10.72 12.40
C ILE C 84 -10.96 -9.93 11.36
N TYR C 85 -12.23 -9.58 11.66
CA TYR C 85 -13.05 -8.71 10.80
C TYR C 85 -13.46 -7.47 11.56
N CYS C 86 -13.29 -6.29 10.95
CA CYS C 86 -13.68 -5.06 11.61
C CYS C 86 -14.15 -4.05 10.59
N ARG C 87 -14.69 -2.95 11.13
CA ARG C 87 -15.06 -1.82 10.30
C ARG C 87 -13.87 -0.89 10.06
N ASP C 88 -13.10 -0.62 11.11
CA ASP C 88 -11.89 0.18 11.03
C ASP C 88 -10.95 -0.29 12.14
N LEU C 89 -9.69 0.14 12.02
CA LEU C 89 -8.58 -0.29 12.88
C LEU C 89 -7.77 0.94 13.22
N ASN C 90 -7.67 1.22 14.53
CA ASN C 90 -6.92 2.33 15.07
C ASN C 90 -5.66 1.79 15.75
N VAL C 91 -4.49 2.33 15.40
CA VAL C 91 -3.18 1.86 15.84
C VAL C 91 -2.48 3.03 16.51
N SER C 92 -2.19 2.89 17.80
CA SER C 92 -1.56 4.01 18.52
C SER C 92 -0.04 3.87 18.58
N GLY D 24 -26.55 -10.91 45.80
CA GLY D 24 -26.32 -12.29 45.44
C GLY D 24 -25.25 -13.00 46.25
N SER D 25 -24.37 -13.72 45.57
CA SER D 25 -23.23 -14.36 46.22
C SER D 25 -22.01 -13.48 46.05
N ALA D 26 -21.14 -13.52 47.06
CA ALA D 26 -19.82 -12.93 46.86
C ALA D 26 -18.99 -13.73 45.87
N SER D 27 -19.29 -15.01 45.68
CA SER D 27 -18.40 -15.91 44.97
C SER D 27 -19.21 -17.09 44.46
N ILE D 28 -18.92 -17.49 43.22
CA ILE D 28 -19.41 -18.69 42.56
C ILE D 28 -18.18 -19.54 42.28
N ALA D 29 -18.07 -20.65 42.99
CA ALA D 29 -16.94 -21.54 42.84
C ALA D 29 -17.23 -22.51 41.70
N ILE D 30 -16.29 -22.65 40.78
CA ILE D 30 -16.41 -23.57 39.68
C ILE D 30 -15.22 -24.51 39.73
N GLY D 31 -15.45 -25.75 40.17
CA GLY D 31 -14.37 -26.70 40.35
C GLY D 31 -13.90 -26.70 41.79
N ASP D 32 -13.32 -25.60 42.24
CA ASP D 32 -13.16 -25.39 43.68
C ASP D 32 -13.20 -23.90 43.95
N ASN D 33 -12.92 -23.53 45.20
CA ASN D 33 -13.16 -22.18 45.67
C ASN D 33 -12.17 -21.17 45.11
N ASP D 34 -11.15 -21.60 44.38
CA ASP D 34 -10.13 -20.69 43.84
C ASP D 34 -10.39 -20.29 42.40
N THR D 35 -11.48 -20.79 41.80
CA THR D 35 -11.73 -20.64 40.37
C THR D 35 -13.22 -20.35 40.22
N GLY D 36 -13.58 -19.37 39.39
CA GLY D 36 -14.98 -19.04 39.22
C GLY D 36 -15.22 -17.57 39.00
N LEU D 37 -16.27 -17.05 39.63
CA LEU D 37 -16.69 -15.67 39.45
C LEU D 37 -16.82 -15.05 40.83
N ARG D 38 -16.44 -13.77 40.94
CA ARG D 38 -16.48 -13.10 42.25
C ARG D 38 -16.99 -11.69 42.13
N TRP D 39 -17.62 -11.23 43.20
CA TRP D 39 -17.99 -9.83 43.29
C TRP D 39 -16.72 -9.00 43.23
N GLY D 40 -16.71 -7.96 42.40
CA GLY D 40 -15.52 -7.14 42.25
C GLY D 40 -15.77 -5.67 42.52
N GLY D 41 -16.90 -5.39 43.18
CA GLY D 41 -17.37 -4.04 43.36
C GLY D 41 -18.79 -3.88 42.87
N ASP D 42 -19.28 -2.65 42.93
CA ASP D 42 -20.67 -2.38 42.63
C ASP D 42 -20.94 -2.57 41.14
N GLY D 43 -21.75 -3.56 40.75
CA GLY D 43 -21.94 -3.81 39.32
C GLY D 43 -20.68 -4.32 38.62
N ILE D 44 -19.79 -4.98 39.35
CA ILE D 44 -18.53 -5.49 38.78
C ILE D 44 -18.34 -6.95 39.17
N VAL D 45 -17.88 -7.78 38.21
CA VAL D 45 -17.61 -9.19 38.44
C VAL D 45 -16.17 -9.43 38.05
N GLN D 46 -15.47 -10.21 38.86
CA GLN D 46 -14.15 -10.71 38.56
C GLN D 46 -14.24 -12.14 38.01
N ILE D 47 -13.48 -12.40 36.94
CA ILE D 47 -13.29 -13.74 36.40
C ILE D 47 -11.96 -14.30 36.90
N VAL D 48 -11.99 -15.45 37.61
CA VAL D 48 -10.83 -15.91 38.38
C VAL D 48 -10.54 -17.38 38.12
N ALA D 49 -9.27 -17.74 38.17
CA ALA D 49 -8.83 -19.12 37.96
C ALA D 49 -7.58 -19.31 38.80
N ASN D 50 -7.62 -20.32 39.68
CA ASN D 50 -6.59 -20.54 40.71
CA ASN D 50 -6.60 -20.53 40.73
C ASN D 50 -6.14 -19.21 41.32
N ASN D 51 -7.12 -18.42 41.69
CA ASN D 51 -7.01 -17.11 42.29
C ASN D 51 -6.23 -16.09 41.48
N ALA D 52 -5.81 -16.43 40.24
CA ALA D 52 -5.43 -15.39 39.27
C ALA D 52 -6.69 -14.62 38.86
N ILE D 53 -6.65 -13.30 38.93
CA ILE D 53 -7.74 -12.47 38.41
C ILE D 53 -7.50 -12.30 36.90
N VAL D 54 -8.24 -13.06 36.09
CA VAL D 54 -7.98 -13.08 34.65
C VAL D 54 -8.69 -11.91 33.95
N GLY D 55 -9.90 -11.57 34.38
CA GLY D 55 -10.63 -10.49 33.76
C GLY D 55 -11.86 -10.18 34.56
N GLY D 56 -12.85 -9.60 33.91
CA GLY D 56 -14.13 -9.36 34.57
C GLY D 56 -15.08 -8.62 33.66
N TRP D 57 -16.18 -8.11 34.21
CA TRP D 57 -17.02 -7.25 33.42
C TRP D 57 -17.71 -6.25 34.34
N ASN D 58 -18.23 -5.21 33.70
CA ASN D 58 -19.04 -4.22 34.36
C ASN D 58 -20.13 -3.88 33.36
N SER D 59 -20.84 -2.76 33.59
CA SER D 59 -22.01 -2.47 32.77
C SER D 59 -21.66 -2.03 31.34
N THR D 60 -20.42 -1.68 31.07
CA THR D 60 -20.08 -1.21 29.75
C THR D 60 -19.10 -2.09 29.00
N ASP D 61 -18.36 -2.98 29.68
CA ASP D 61 -17.17 -3.62 29.15
C ASP D 61 -17.03 -5.07 29.66
N ILE D 62 -16.56 -5.96 28.80
CA ILE D 62 -15.94 -7.21 29.22
C ILE D 62 -14.45 -7.02 29.00
N PHE D 63 -13.64 -7.42 29.97
CA PHE D 63 -12.19 -7.08 29.83
C PHE D 63 -11.32 -8.16 30.47
N THR D 64 -10.04 -8.17 30.11
CA THR D 64 -9.06 -8.91 30.89
C THR D 64 -8.20 -7.94 31.68
N GLU D 65 -7.53 -8.48 32.70
CA GLU D 65 -6.57 -7.69 33.46
C GLU D 65 -5.24 -7.57 32.72
N ALA D 66 -4.31 -6.77 33.28
CA ALA D 66 -3.00 -6.58 32.63
C ALA D 66 -2.30 -7.88 32.36
N GLY D 67 -1.80 -8.04 31.11
CA GLY D 67 -1.06 -9.20 30.71
C GLY D 67 -1.89 -10.46 30.56
N LYS D 68 -3.22 -10.34 30.70
CA LYS D 68 -4.08 -11.51 30.51
C LYS D 68 -4.75 -11.41 29.15
N HIS D 69 -4.89 -12.51 28.47
CA HIS D 69 -5.16 -12.44 27.03
C HIS D 69 -6.58 -12.86 26.70
N ILE D 70 -7.08 -12.36 25.57
CA ILE D 70 -8.34 -12.84 24.97
C ILE D 70 -7.99 -13.46 23.64
N THR D 71 -8.44 -14.71 23.42
CA THR D 71 -8.02 -15.47 22.23
C THR D 71 -9.23 -16.11 21.61
N SER D 72 -9.48 -15.82 20.33
CA SER D 72 -10.48 -16.54 19.57
C SER D 72 -9.81 -17.65 18.76
N ASN D 73 -10.36 -18.84 18.84
CA ASN D 73 -9.91 -19.89 17.94
C ASN D 73 -10.91 -20.12 16.82
N GLY D 74 -11.76 -19.12 16.58
CA GLY D 74 -12.55 -19.01 15.37
C GLY D 74 -12.21 -17.67 14.73
N ASN D 75 -13.23 -16.86 14.49
CA ASN D 75 -13.09 -15.49 14.02
C ASN D 75 -13.15 -14.53 15.23
N LEU D 76 -12.56 -13.37 15.06
CA LEU D 76 -12.57 -12.32 16.06
C LEU D 76 -13.12 -11.08 15.37
N ASN D 77 -14.30 -10.62 15.79
CA ASN D 77 -15.07 -9.64 15.03
C ASN D 77 -15.31 -8.37 15.84
N GLN D 78 -15.23 -7.25 15.14
CA GLN D 78 -15.79 -6.00 15.62
C GLN D 78 -16.88 -5.64 14.63
N TRP D 79 -18.14 -5.69 15.07
CA TRP D 79 -19.29 -5.58 14.17
C TRP D 79 -20.06 -4.29 14.45
N GLY D 80 -20.24 -3.49 13.40
CA GLY D 80 -21.01 -2.26 13.56
C GLY D 80 -20.19 -0.99 13.54
N GLY D 81 -20.68 0.09 14.17
CA GLY D 81 -20.13 1.43 14.03
C GLY D 81 -18.92 1.76 14.88
N GLY D 82 -18.50 0.81 15.71
CA GLY D 82 -17.31 0.97 16.52
C GLY D 82 -16.07 0.67 15.70
N ALA D 83 -14.96 0.34 16.40
CA ALA D 83 -13.69 0.05 15.71
C ALA D 83 -12.83 -0.85 16.61
N ILE D 84 -11.76 -1.41 16.01
CA ILE D 84 -10.71 -2.03 16.79
C ILE D 84 -9.68 -0.96 17.17
N TYR D 85 -9.30 -0.91 18.44
CA TYR D 85 -8.21 -0.04 18.89
C TYR D 85 -7.09 -0.91 19.43
N CYS D 86 -5.85 -0.65 18.99
CA CYS D 86 -4.74 -1.42 19.53
C CYS D 86 -3.48 -0.59 19.56
N ARG D 87 -2.45 -1.18 20.13
CA ARG D 87 -1.13 -0.57 20.06
C ARG D 87 -0.50 -0.89 18.71
N ASP D 88 -0.49 -2.19 18.39
CA ASP D 88 0.00 -2.64 17.06
C ASP D 88 -0.69 -3.97 16.80
N LEU D 89 -0.60 -4.42 15.54
CA LEU D 89 -1.27 -5.64 15.13
C LEU D 89 -0.33 -6.41 14.21
N ASN D 90 -0.22 -7.72 14.45
CA ASN D 90 0.70 -8.61 13.77
C ASN D 90 -0.13 -9.59 12.92
N VAL D 91 0.22 -9.72 11.64
CA VAL D 91 -0.45 -10.58 10.69
C VAL D 91 0.49 -11.72 10.31
N SER D 92 0.12 -12.95 10.60
CA SER D 92 1.09 -14.02 10.26
C SER D 92 1.01 -14.44 8.78
#